data_2R40
#
_entry.id   2R40
#
_cell.length_a   58.001
_cell.length_b   58.001
_cell.length_c   303.592
_cell.angle_alpha   90.000
_cell.angle_beta   90.000
_cell.angle_gamma   120.000
#
_symmetry.space_group_name_H-M   'P 31 2 1'
#
loop_
_entity.id
_entity.type
_entity.pdbx_description
1 polymer 'Ecdysone Receptor'
2 polymer Ultraspiracle
3 non-polymer 'CITRATE ANION'
4 non-polymer 'SULFATE ION'
5 non-polymer (2beta,3beta,5beta,22R)-2,3,14,20,22,25-hexahydroxycholest-7-en-6-one
6 non-polymer GLYCEROL
7 non-polymer L-ALPHA-PHOSPHATIDYL-BETA-OLEOYL-GAMMA-PALMITOYL-PHOSPHATIDYLETHANOLAMINE
8 water water
#
loop_
_entity_poly.entity_id
_entity_poly.type
_entity_poly.pdbx_seq_one_letter_code
_entity_poly.pdbx_strand_id
1 'polypeptide(L)'
;GSHMASMTGGQQMGRDPLKNVPPLTANQKSLIARLVWYQEGYEQPSEEDLKRVTQTWQSDEDDEDSDMPFRQITEMTILT
VQLIVEFAKGLPGFAKISQSDQITLLKACSSEVMMLRVARRYDAATDSVLFANNQAYTRDNYRKAGMAYVIEDLLHFCRC
MYSMMMDNVHYALLTAIVIFSDRPGLEQPLLVEEIQRYYLNTLRVYILNQNSASPRCAVIFGKILGILTEIRTLGMQNSN
MCISLKLKNRKLPPFLEEIWDVADVA
;
D
2 'polypeptide(L)'
;MVQELSIERLLEMESLVADPSEEFQFLRVGPDSNVPPKFRAPVSSLCQIGNKQIAALVVWARDIPHFSQLEMEDQILLIK
GSWNELLLFAIAWRSMEFLTEERDGVDGTGNRTTSPPQLMCLMPGMTLHRNSALQAGVGQIFDRVLSELSLKMRTLRVDQ
AEYVALKAIILLNPDVKGLKNRQEVEVLREKMFLCLDEYCRRSRSSEEGRFAALLLRLPALRSISLKSFEHLFFFHLVAD
TSIAGYIRDALRNHAPPIDTNMM
;
A
#
# COMPACT_ATOMS: atom_id res chain seq x y z
N VAL A 21 21.04 20.24 -15.87
CA VAL A 21 20.31 19.54 -14.76
C VAL A 21 18.97 20.23 -14.46
N PRO A 22 17.85 19.62 -14.90
CA PRO A 22 16.46 20.06 -14.71
C PRO A 22 16.20 20.88 -13.44
N PRO A 23 15.98 22.19 -13.61
CA PRO A 23 15.66 23.06 -12.47
C PRO A 23 14.16 23.05 -12.17
N LEU A 24 13.80 23.58 -11.01
CA LEU A 24 12.38 23.69 -10.67
C LEU A 24 11.84 24.97 -11.32
N THR A 25 10.77 24.82 -12.10
CA THR A 25 10.04 25.94 -12.69
C THR A 25 9.43 26.84 -11.62
N ALA A 26 9.21 28.10 -11.97
CA ALA A 26 8.63 29.09 -11.06
C ALA A 26 7.36 28.60 -10.35
N ASN A 27 6.53 27.86 -11.12
CA ASN A 27 5.30 27.29 -10.59
C ASN A 27 5.53 26.16 -9.58
N GLN A 28 6.57 25.36 -9.79
CA GLN A 28 6.92 24.27 -8.87
C GLN A 28 7.42 24.78 -7.53
N LYS A 29 8.17 25.88 -7.57
CA LYS A 29 8.72 26.53 -6.38
C LYS A 29 7.62 27.24 -5.60
N SER A 30 6.72 27.95 -6.37
CA SER A 30 5.54 28.57 -5.80
C SER A 30 4.63 27.52 -5.15
N LEU A 31 4.51 26.36 -5.80
CA LEU A 31 3.78 25.23 -5.25
C LEU A 31 4.45 24.70 -3.99
N ILE A 32 5.78 24.54 -4.03
CA ILE A 32 6.50 23.97 -2.89
C ILE A 32 6.35 24.87 -1.66
N ALA A 33 6.53 26.17 -1.87
CA ALA A 33 6.47 27.18 -0.81
C ALA A 33 5.09 27.21 -0.18
N ARG A 34 4.07 27.16 -1.03
CA ARG A 34 2.68 27.21 -0.57
C ARG A 34 2.41 26.03 0.36
N LEU A 35 2.77 24.82 -0.09
CA LEU A 35 2.54 23.59 0.66
C LEU A 35 3.32 23.56 1.97
N VAL A 36 4.54 24.07 1.96
CA VAL A 36 5.32 24.20 3.19
C VAL A 36 4.65 25.20 4.18
N TRP A 37 4.06 26.28 3.67
CA TRP A 37 3.33 27.22 4.52
C TRP A 37 2.06 26.61 5.13
N TYR A 38 1.26 25.95 4.29
CA TYR A 38 0.00 25.35 4.75
C TYR A 38 0.26 24.21 5.72
N GLN A 39 1.33 23.48 5.45
CA GLN A 39 1.74 22.34 6.26
C GLN A 39 2.02 22.71 7.71
N GLU A 40 2.86 23.71 7.94
CA GLU A 40 3.22 24.05 9.30
C GLU A 40 2.13 24.84 10.00
N GLY A 41 1.36 25.59 9.22
CA GLY A 41 0.15 26.24 9.72
C GLY A 41 -0.95 25.29 10.17
N TYR A 42 -0.95 24.05 9.65
CA TYR A 42 -1.98 23.06 9.99
C TYR A 42 -1.47 21.81 10.71
N GLU A 43 -0.22 21.82 11.17
CA GLU A 43 0.34 20.60 11.74
C GLU A 43 -0.09 20.37 13.18
N GLN A 44 -0.53 21.45 13.82
CA GLN A 44 -1.08 21.40 15.16
C GLN A 44 -2.40 22.13 15.20
N PRO A 45 -3.32 21.68 16.07
CA PRO A 45 -4.58 22.40 16.26
C PRO A 45 -4.34 23.77 16.86
N SER A 46 -5.24 24.70 16.56
CA SER A 46 -5.20 26.03 17.14
C SER A 46 -5.15 25.98 18.66
N GLU A 47 -4.56 27.02 19.22
CA GLU A 47 -4.49 27.24 20.67
C GLU A 47 -5.84 27.06 21.34
N GLU A 48 -6.87 27.71 20.80
CA GLU A 48 -8.21 27.63 21.39
C GLU A 48 -8.86 26.25 21.26
N ASP A 49 -8.73 25.62 20.09
CA ASP A 49 -9.23 24.26 19.91
C ASP A 49 -8.63 23.30 20.93
N LEU A 50 -7.30 23.37 21.07
CA LEU A 50 -6.55 22.56 22.01
C LEU A 50 -6.88 22.84 23.47
N LYS A 51 -7.09 24.10 23.82
CA LYS A 51 -7.44 24.45 25.19
C LYS A 51 -8.87 23.98 25.51
N ARG A 52 -9.77 24.09 24.53
CA ARG A 52 -11.15 23.64 24.69
C ARG A 52 -11.22 22.14 24.99
N VAL A 53 -10.44 21.35 24.25
CA VAL A 53 -10.41 19.90 24.43
C VAL A 53 -9.73 19.47 25.74
N THR A 54 -8.54 20.01 26.01
CA THR A 54 -7.79 19.64 27.22
C THR A 54 -8.46 20.19 28.48
N GLN A 55 -9.41 21.11 28.31
CA GLN A 55 -10.15 21.66 29.45
C GLN A 55 -10.82 20.51 30.20
N THR A 56 -10.00 19.76 30.95
CA THR A 56 -10.43 18.58 31.72
C THR A 56 -9.55 18.35 32.94
N ASP A 67 -12.47 7.08 31.07
CA ASP A 67 -11.99 6.81 29.71
C ASP A 67 -11.04 7.90 29.24
N MET A 68 -10.04 8.21 30.06
CA MET A 68 -9.09 9.29 29.73
C MET A 68 -8.30 9.05 28.44
N PRO A 69 -7.41 8.02 28.40
CA PRO A 69 -6.71 7.81 27.15
C PRO A 69 -7.66 7.77 25.95
N PHE A 70 -8.76 7.02 26.07
CA PHE A 70 -9.72 6.83 24.98
C PHE A 70 -10.31 8.15 24.47
N ARG A 71 -10.69 9.02 25.39
CA ARG A 71 -11.31 10.27 25.00
C ARG A 71 -10.31 11.25 24.37
N GLN A 72 -9.09 11.31 24.89
N GLN A 72 -9.11 11.29 24.92
CA GLN A 72 -8.10 12.20 24.28
CA GLN A 72 -7.99 12.08 24.39
C GLN A 72 -7.60 11.70 22.92
C GLN A 72 -7.68 11.68 22.95
N ILE A 73 -7.42 10.39 22.77
CA ILE A 73 -7.12 9.79 21.47
C ILE A 73 -8.21 10.09 20.42
N THR A 74 -9.46 9.81 20.74
CA THR A 74 -10.57 10.08 19.83
C THR A 74 -10.80 11.57 19.57
N GLU A 75 -10.82 12.39 20.61
CA GLU A 75 -10.95 13.86 20.46
C GLU A 75 -9.80 14.55 19.73
N MET A 76 -8.55 14.11 19.94
CA MET A 76 -7.43 14.63 19.14
C MET A 76 -7.49 14.18 17.68
N THR A 77 -8.04 12.99 17.43
CA THR A 77 -8.22 12.45 16.07
C THR A 77 -9.26 13.24 15.28
N ILE A 78 -10.28 13.73 15.95
CA ILE A 78 -11.21 14.68 15.32
C ILE A 78 -10.48 15.96 14.88
N LEU A 79 -9.71 16.55 15.80
CA LEU A 79 -8.91 17.73 15.48
C LEU A 79 -7.91 17.49 14.34
N THR A 80 -7.22 16.36 14.36
CA THR A 80 -6.28 16.00 13.30
C THR A 80 -6.97 15.94 11.94
N VAL A 81 -8.12 15.24 11.87
CA VAL A 81 -8.90 15.11 10.62
C VAL A 81 -9.39 16.47 10.10
N GLN A 82 -9.82 17.34 11.00
CA GLN A 82 -10.16 18.71 10.63
C GLN A 82 -9.00 19.46 9.97
N LEU A 83 -7.79 19.23 10.49
CA LEU A 83 -6.57 19.88 9.98
C LEU A 83 -6.21 19.35 8.58
N ILE A 84 -6.39 18.06 8.39
CA ILE A 84 -6.12 17.36 7.12
C ILE A 84 -7.00 17.92 6.02
N VAL A 85 -8.30 18.01 6.34
CA VAL A 85 -9.31 18.65 5.48
C VAL A 85 -8.92 20.08 5.07
N GLU A 86 -8.45 20.89 6.02
CA GLU A 86 -8.03 22.28 5.72
C GLU A 86 -6.71 22.38 4.91
N PHE A 87 -5.74 21.50 5.19
CA PHE A 87 -4.60 21.35 4.28
C PHE A 87 -5.07 20.98 2.86
N ALA A 88 -5.86 19.90 2.73
CA ALA A 88 -6.40 19.45 1.42
C ALA A 88 -7.07 20.54 0.58
N LYS A 89 -7.92 21.34 1.20
CA LYS A 89 -8.65 22.41 0.51
C LYS A 89 -7.73 23.54 0.06
N GLY A 90 -6.60 23.69 0.75
CA GLY A 90 -5.60 24.69 0.41
C GLY A 90 -4.68 24.25 -0.72
N LEU A 91 -4.77 22.98 -1.10
CA LEU A 91 -3.98 22.43 -2.18
C LEU A 91 -4.47 22.88 -3.54
N PRO A 92 -3.58 23.40 -4.39
CA PRO A 92 -3.94 23.66 -5.80
C PRO A 92 -4.32 22.36 -6.51
N GLY A 93 -5.45 22.40 -7.23
CA GLY A 93 -6.00 21.23 -7.89
C GLY A 93 -7.31 20.78 -7.27
N PHE A 94 -7.44 21.01 -5.96
CA PHE A 94 -8.58 20.51 -5.19
C PHE A 94 -9.91 21.18 -5.54
N ALA A 95 -9.91 22.51 -5.69
CA ALA A 95 -11.12 23.25 -6.04
C ALA A 95 -11.59 22.99 -7.47
N LYS A 96 -10.73 22.34 -8.27
CA LYS A 96 -11.05 21.98 -9.66
C LYS A 96 -11.79 20.64 -9.73
N ILE A 97 -11.92 19.99 -8.58
CA ILE A 97 -12.51 18.66 -8.46
C ILE A 97 -13.92 18.79 -7.89
N SER A 98 -14.87 18.05 -8.47
CA SER A 98 -16.28 18.10 -8.08
C SER A 98 -16.49 17.76 -6.59
N GLN A 99 -17.58 18.29 -6.03
CA GLN A 99 -17.88 18.16 -4.60
C GLN A 99 -17.98 16.71 -4.16
N SER A 100 -18.52 15.87 -5.05
CA SER A 100 -18.66 14.44 -4.81
C SER A 100 -17.32 13.72 -4.76
N ASP A 101 -16.39 14.11 -5.63
CA ASP A 101 -15.07 13.49 -5.66
C ASP A 101 -14.18 13.99 -4.52
N GLN A 102 -14.42 15.21 -4.05
CA GLN A 102 -13.71 15.75 -2.89
C GLN A 102 -14.01 14.90 -1.65
N ILE A 103 -15.28 14.58 -1.41
CA ILE A 103 -15.62 13.68 -0.30
C ILE A 103 -15.01 12.29 -0.48
N THR A 104 -15.16 11.70 -1.66
CA THR A 104 -14.48 10.46 -2.00
C THR A 104 -12.97 10.52 -1.69
N LEU A 105 -12.29 11.58 -2.14
CA LEU A 105 -10.85 11.71 -1.86
C LEU A 105 -10.56 11.86 -0.37
N LEU A 106 -11.31 12.72 0.30
CA LEU A 106 -11.08 12.99 1.70
C LEU A 106 -11.39 11.81 2.63
N LYS A 107 -12.47 11.09 2.37
CA LYS A 107 -12.81 9.93 3.20
C LYS A 107 -11.81 8.81 3.05
N ALA A 108 -11.37 8.58 1.81
CA ALA A 108 -10.40 7.52 1.52
C ALA A 108 -8.99 7.81 2.02
N CYS A 109 -8.57 9.08 1.99
CA CYS A 109 -7.15 9.44 2.20
C CYS A 109 -6.81 9.94 3.60
N SER A 110 -7.83 10.42 4.32
CA SER A 110 -7.63 11.06 5.62
C SER A 110 -6.98 10.17 6.68
N SER A 111 -7.29 8.88 6.69
CA SER A 111 -6.61 7.99 7.65
C SER A 111 -5.16 7.72 7.25
N GLU A 112 -4.88 7.72 5.94
CA GLU A 112 -3.52 7.52 5.44
C GLU A 112 -2.58 8.70 5.71
N VAL A 113 -3.09 9.91 5.55
CA VAL A 113 -2.35 11.14 5.81
C VAL A 113 -2.08 11.28 7.30
N MET A 114 -3.00 10.76 8.10
CA MET A 114 -2.88 10.79 9.55
C MET A 114 -1.64 9.99 10.00
N MET A 115 -1.28 8.97 9.23
CA MET A 115 -0.11 8.14 9.51
C MET A 115 1.21 8.87 9.31
N LEU A 116 1.21 9.81 8.36
CA LEU A 116 2.38 10.62 8.07
C LEU A 116 2.58 11.62 9.21
N ARG A 117 1.47 12.16 9.69
CA ARG A 117 1.43 13.11 10.80
C ARG A 117 1.91 12.53 12.15
N VAL A 118 1.65 11.26 12.42
CA VAL A 118 2.16 10.63 13.65
C VAL A 118 3.65 10.31 13.51
N ALA A 119 4.08 9.90 12.30
CA ALA A 119 5.49 9.69 11.98
C ALA A 119 6.35 10.91 12.28
N ARG A 120 5.79 12.10 12.08
CA ARG A 120 6.54 13.32 12.34
C ARG A 120 6.63 13.65 13.82
N ARG A 121 5.77 13.03 14.62
CA ARG A 121 5.66 13.28 16.07
C ARG A 121 6.18 12.11 16.91
N TYR A 122 6.86 11.19 16.27
CA TYR A 122 7.35 10.00 16.92
C TYR A 122 8.67 10.33 17.56
N ASP A 123 8.86 9.86 18.79
CA ASP A 123 10.15 10.00 19.46
C ASP A 123 10.81 8.63 19.57
N ALA A 124 11.95 8.49 18.92
CA ALA A 124 12.66 7.22 18.84
C ALA A 124 13.11 6.74 20.23
N ALA A 125 13.76 7.63 20.99
CA ALA A 125 14.33 7.31 22.29
C ALA A 125 13.34 6.74 23.33
N THR A 126 12.11 7.28 23.34
CA THR A 126 11.04 6.81 24.24
C THR A 126 10.02 5.90 23.54
N ASP A 127 10.17 5.71 22.23
CA ASP A 127 9.33 4.79 21.44
C ASP A 127 7.84 5.14 21.58
N SER A 128 7.53 6.41 21.37
CA SER A 128 6.22 6.93 21.66
C SER A 128 5.83 8.10 20.74
N VAL A 129 4.56 8.47 20.81
CA VAL A 129 4.00 9.53 19.97
C VAL A 129 3.78 10.76 20.85
N LEU A 130 4.23 11.91 20.35
CA LEU A 130 4.09 13.15 21.08
C LEU A 130 2.80 13.84 20.59
N PHE A 131 1.84 13.98 21.51
CA PHE A 131 0.56 14.62 21.19
C PHE A 131 0.70 16.14 21.23
N ALA A 132 -0.28 16.85 20.68
CA ALA A 132 -0.20 18.30 20.53
C ALA A 132 -0.07 19.04 21.87
N ASN A 133 -0.55 18.41 22.95
CA ASN A 133 -0.36 18.89 24.31
C ASN A 133 1.02 18.59 24.91
N ASN A 134 1.91 17.95 24.14
CA ASN A 134 3.26 17.60 24.58
C ASN A 134 3.38 16.42 25.56
N GLN A 135 2.32 15.63 25.71
CA GLN A 135 2.42 14.39 26.48
C GLN A 135 2.76 13.24 25.53
N ALA A 136 3.65 12.37 25.99
CA ALA A 136 4.10 11.23 25.22
C ALA A 136 3.18 10.04 25.46
N TYR A 137 2.61 9.51 24.39
CA TYR A 137 1.74 8.34 24.46
C TYR A 137 2.46 7.09 23.97
N THR A 138 2.49 6.09 24.84
CA THR A 138 3.19 4.84 24.60
C THR A 138 2.23 3.74 24.13
N ARG A 139 2.80 2.56 23.87
CA ARG A 139 2.06 1.33 23.65
C ARG A 139 1.02 1.07 24.76
N ASP A 140 1.42 1.38 26.00
CA ASP A 140 0.60 1.25 27.20
C ASP A 140 -0.66 2.11 27.25
N ASN A 141 -0.56 3.37 26.84
CA ASN A 141 -1.70 4.29 26.82
C ASN A 141 -2.74 3.87 25.79
N TYR A 142 -2.29 3.28 24.69
CA TYR A 142 -3.19 2.80 23.65
C TYR A 142 -3.84 1.49 24.09
N ARG A 143 -3.12 0.70 24.87
CA ARG A 143 -3.67 -0.49 25.52
C ARG A 143 -4.86 -0.07 26.39
N LYS A 144 -4.59 0.74 27.42
CA LYS A 144 -5.64 1.21 28.35
C LYS A 144 -6.84 1.84 27.64
N ALA A 145 -6.62 2.39 26.44
CA ALA A 145 -7.70 2.99 25.65
C ALA A 145 -8.37 1.99 24.71
N GLY A 146 -8.01 0.72 24.84
CA GLY A 146 -8.56 -0.37 24.01
C GLY A 146 -8.09 -0.42 22.57
N MET A 147 -6.97 0.23 22.27
CA MET A 147 -6.48 0.31 20.89
C MET A 147 -5.11 -0.34 20.68
N ALA A 148 -4.88 -1.41 21.43
CA ALA A 148 -3.68 -2.24 21.32
C ALA A 148 -3.52 -2.87 19.93
N TYR A 149 -4.64 -3.05 19.22
CA TYR A 149 -4.64 -3.67 17.91
C TYR A 149 -3.83 -2.83 16.92
N VAL A 150 -3.90 -1.52 17.11
CA VAL A 150 -3.44 -0.58 16.12
C VAL A 150 -1.97 -0.09 16.35
N ILE A 151 -1.52 -0.12 17.60
CA ILE A 151 -0.31 0.60 17.96
C ILE A 151 1.01 -0.06 17.55
N GLU A 152 1.02 -1.39 17.47
CA GLU A 152 2.21 -2.13 17.10
C GLU A 152 2.73 -1.73 15.71
N ASP A 153 1.87 -1.85 14.72
CA ASP A 153 2.21 -1.62 13.33
C ASP A 153 2.42 -0.14 13.06
N LEU A 154 1.74 0.69 13.84
CA LEU A 154 1.92 2.12 13.78
C LEU A 154 3.33 2.56 14.23
N LEU A 155 3.79 2.03 15.35
CA LEU A 155 5.09 2.40 15.89
C LEU A 155 6.23 1.85 15.01
N HIS A 156 6.01 0.66 14.46
CA HIS A 156 6.92 0.06 13.50
C HIS A 156 7.07 0.95 12.27
N PHE A 157 5.93 1.42 11.76
CA PHE A 157 5.91 2.34 10.63
C PHE A 157 6.70 3.61 10.96
N CYS A 158 6.40 4.19 12.13
CA CYS A 158 7.15 5.33 12.68
C CYS A 158 8.66 5.13 12.75
N ARG A 159 9.13 4.00 13.29
CA ARG A 159 10.55 3.63 13.26
C ARG A 159 11.11 3.59 11.83
N CYS A 160 10.43 2.90 10.92
CA CYS A 160 10.85 2.82 9.51
C CYS A 160 10.82 4.18 8.81
N MET A 161 9.88 5.02 9.25
CA MET A 161 9.63 6.36 8.69
C MET A 161 10.54 7.43 9.21
N TYR A 162 11.00 7.28 10.43
CA TYR A 162 11.99 8.20 11.00
C TYR A 162 13.41 7.65 10.75
N SER A 163 13.49 6.42 10.25
CA SER A 163 14.74 5.85 9.77
C SER A 163 15.13 6.46 8.42
N MET A 164 14.12 6.92 7.69
CA MET A 164 14.33 7.55 6.40
C MET A 164 14.92 8.97 6.49
N MET A 165 14.64 9.68 7.59
CA MET A 165 14.97 11.10 7.76
C MET A 165 14.38 11.99 6.66
N MET A 166 13.06 12.03 6.56
N MET A 166 13.06 12.05 6.58
N MET A 166 13.06 12.01 6.56
CA MET A 166 12.39 12.85 5.53
CA MET A 166 12.34 12.82 5.54
CA MET A 166 12.40 12.87 5.59
C MET A 166 12.28 14.32 5.94
C MET A 166 12.10 14.30 5.90
C MET A 166 12.53 14.35 5.97
N ASP A 167 12.42 15.21 4.96
CA ASP A 167 12.33 16.65 5.18
C ASP A 167 10.92 17.19 4.94
N ASN A 168 10.75 18.48 5.19
CA ASN A 168 9.44 19.13 5.11
C ASN A 168 8.82 19.13 3.72
N VAL A 169 9.67 19.18 2.70
CA VAL A 169 9.21 19.22 1.30
C VAL A 169 8.76 17.84 0.79
N HIS A 170 9.58 16.81 1.01
CA HIS A 170 9.17 15.43 0.79
C HIS A 170 7.83 15.16 1.47
N TYR A 171 7.75 15.50 2.75
CA TYR A 171 6.54 15.30 3.53
C TYR A 171 5.32 16.02 2.95
N ALA A 172 5.48 17.31 2.61
CA ALA A 172 4.42 18.12 2.01
C ALA A 172 3.96 17.61 0.66
N LEU A 173 4.92 17.29 -0.21
CA LEU A 173 4.63 16.73 -1.53
C LEU A 173 3.95 15.36 -1.43
N LEU A 174 4.52 14.46 -0.62
CA LEU A 174 3.91 13.16 -0.36
C LEU A 174 2.45 13.24 0.13
N THR A 175 2.16 14.18 1.04
CA THR A 175 0.82 14.37 1.55
C THR A 175 -0.15 14.73 0.43
N ALA A 176 0.28 15.62 -0.47
CA ALA A 176 -0.52 15.99 -1.65
C ALA A 176 -0.71 14.79 -2.59
N ILE A 177 0.35 14.00 -2.75
CA ILE A 177 0.30 12.80 -3.58
C ILE A 177 -0.68 11.73 -3.05
N VAL A 178 -0.72 11.57 -1.73
CA VAL A 178 -1.69 10.69 -1.07
C VAL A 178 -3.13 11.18 -1.31
N ILE A 179 -3.35 12.48 -1.08
CA ILE A 179 -4.68 13.06 -1.28
C ILE A 179 -5.21 12.89 -2.72
N PHE A 180 -4.35 13.08 -3.71
CA PHE A 180 -4.78 12.97 -5.10
C PHE A 180 -4.54 11.56 -5.68
N SER A 181 -4.56 10.56 -4.81
CA SER A 181 -4.43 9.19 -5.27
C SER A 181 -5.72 8.68 -5.90
N ASP A 182 -5.58 7.68 -6.77
CA ASP A 182 -6.75 7.07 -7.37
C ASP A 182 -7.51 6.23 -6.35
N ARG A 183 -8.82 6.46 -6.29
CA ARG A 183 -9.69 5.84 -5.31
C ARG A 183 -10.93 5.29 -6.01
N PRO A 184 -11.46 4.16 -5.53
CA PRO A 184 -12.73 3.65 -6.09
C PRO A 184 -13.89 4.66 -5.97
N GLY A 185 -14.70 4.77 -7.02
CA GLY A 185 -15.88 5.64 -7.01
C GLY A 185 -15.67 7.07 -7.48
N LEU A 186 -14.49 7.34 -8.04
CA LEU A 186 -14.17 8.65 -8.62
C LEU A 186 -14.89 8.83 -9.95
N GLU A 187 -15.56 9.97 -10.10
CA GLU A 187 -16.27 10.32 -11.33
C GLU A 187 -15.32 10.81 -12.43
N GLN A 188 -14.24 11.47 -12.02
CA GLN A 188 -13.23 12.01 -12.92
C GLN A 188 -11.83 11.60 -12.48
N PRO A 189 -11.51 10.28 -12.53
CA PRO A 189 -10.23 9.86 -11.97
C PRO A 189 -9.01 10.31 -12.80
N LEU A 190 -9.25 10.65 -14.06
CA LEU A 190 -8.19 11.14 -14.95
C LEU A 190 -7.77 12.58 -14.64
N LEU A 191 -8.73 13.41 -14.21
CA LEU A 191 -8.43 14.75 -13.71
C LEU A 191 -7.55 14.66 -12.47
N VAL A 192 -7.92 13.78 -11.53
CA VAL A 192 -7.21 13.59 -10.28
C VAL A 192 -5.79 13.09 -10.55
N GLU A 193 -5.66 12.18 -11.52
CA GLU A 193 -4.39 11.58 -11.93
C GLU A 193 -3.46 12.65 -12.51
N GLU A 194 -4.02 13.49 -13.39
CA GLU A 194 -3.32 14.62 -13.97
C GLU A 194 -2.83 15.59 -12.88
N ILE A 195 -3.67 15.87 -11.89
CA ILE A 195 -3.31 16.74 -10.77
C ILE A 195 -2.20 16.11 -9.91
N GLN A 196 -2.33 14.81 -9.60
CA GLN A 196 -1.31 14.07 -8.83
C GLN A 196 0.03 13.98 -9.58
N ARG A 197 -0.05 13.89 -10.91
CA ARG A 197 1.13 13.76 -11.79
C ARG A 197 2.03 14.97 -11.72
N TYR A 198 1.43 16.14 -11.52
CA TYR A 198 2.17 17.37 -11.35
C TYR A 198 2.93 17.39 -10.03
N TYR A 199 2.34 16.80 -8.99
CA TYR A 199 2.97 16.78 -7.68
C TYR A 199 4.11 15.76 -7.60
N LEU A 200 3.91 14.60 -8.24
CA LEU A 200 4.95 13.57 -8.37
C LEU A 200 6.19 14.10 -9.13
N ASN A 201 5.94 14.84 -10.20
CA ASN A 201 7.00 15.44 -10.98
C ASN A 201 7.79 16.47 -10.17
N THR A 202 7.07 17.32 -9.44
CA THR A 202 7.67 18.32 -8.55
C THR A 202 8.58 17.64 -7.53
N LEU A 203 8.10 16.53 -6.98
CA LEU A 203 8.85 15.73 -6.01
C LEU A 203 10.10 15.12 -6.64
N ARG A 204 9.94 14.49 -7.81
CA ARG A 204 11.06 13.94 -8.55
C ARG A 204 12.11 14.99 -8.92
N VAL A 205 11.66 16.15 -9.43
CA VAL A 205 12.59 17.21 -9.83
C VAL A 205 13.25 17.87 -8.61
N TYR A 206 12.49 18.00 -7.52
CA TYR A 206 13.05 18.48 -6.25
C TYR A 206 14.15 17.57 -5.69
N ILE A 207 13.99 16.26 -5.87
CA ILE A 207 15.01 15.29 -5.41
C ILE A 207 16.27 15.38 -6.26
N LEU A 208 16.10 15.47 -7.59
CA LEU A 208 17.22 15.67 -8.53
C LEU A 208 18.05 16.91 -8.19
N ASN A 209 17.37 17.97 -7.76
CA ASN A 209 18.05 19.22 -7.37
C ASN A 209 18.72 19.18 -6.00
N GLN A 210 18.37 18.18 -5.18
CA GLN A 210 19.00 17.99 -3.88
C GLN A 210 20.29 17.18 -3.94
N ASN A 211 20.41 16.34 -4.99
CA ASN A 211 21.47 15.34 -5.08
C ASN A 211 22.29 15.41 -6.37
N SER A 212 22.19 16.55 -7.07
CA SER A 212 22.91 16.82 -8.32
C SER A 212 22.67 15.76 -9.42
N ALA A 213 21.47 15.19 -9.42
CA ALA A 213 21.01 14.24 -10.45
C ALA A 213 21.85 12.96 -10.59
N SER A 214 22.29 12.41 -9.46
CA SER A 214 22.98 11.11 -9.45
C SER A 214 21.96 9.96 -9.51
N PRO A 215 22.40 8.73 -9.87
CA PRO A 215 21.55 7.54 -9.94
C PRO A 215 20.69 7.28 -8.68
N ARG A 216 21.21 7.61 -7.51
CA ARG A 216 20.52 7.34 -6.23
C ARG A 216 19.25 8.16 -6.00
N CYS A 217 19.02 9.17 -6.84
CA CYS A 217 17.75 9.91 -6.86
C CYS A 217 16.53 9.00 -7.09
N ALA A 218 16.71 7.96 -7.88
CA ALA A 218 15.66 6.95 -8.12
C ALA A 218 15.38 6.11 -6.88
N VAL A 219 16.43 5.85 -6.09
CA VAL A 219 16.29 5.06 -4.84
C VAL A 219 15.53 5.87 -3.79
N ILE A 220 15.93 7.12 -3.61
CA ILE A 220 15.26 8.04 -2.69
C ILE A 220 13.80 8.25 -3.10
N PHE A 221 13.57 8.40 -4.39
CA PHE A 221 12.22 8.62 -4.94
C PHE A 221 11.35 7.35 -4.79
N GLY A 222 11.94 6.20 -5.09
CA GLY A 222 11.31 4.89 -4.90
C GLY A 222 10.93 4.57 -3.46
N LYS A 223 11.84 4.81 -2.51
CA LYS A 223 11.56 4.61 -1.06
C LYS A 223 10.40 5.46 -0.58
N ILE A 224 10.40 6.73 -1.00
CA ILE A 224 9.28 7.64 -0.71
C ILE A 224 7.92 7.12 -1.26
N LEU A 225 7.92 6.70 -2.50
CA LEU A 225 6.71 6.14 -3.12
C LEU A 225 6.30 4.84 -2.43
N GLY A 226 7.29 4.16 -1.85
CA GLY A 226 7.05 2.92 -1.11
C GLY A 226 6.17 3.13 0.11
N ILE A 227 6.20 4.35 0.64
CA ILE A 227 5.39 4.75 1.79
C ILE A 227 3.91 4.74 1.47
N LEU A 228 3.58 5.06 0.22
CA LEU A 228 2.21 5.05 -0.22
C LEU A 228 1.57 3.68 0.01
N THR A 229 2.38 2.62 -0.17
CA THR A 229 1.84 1.26 -0.05
C THR A 229 1.69 0.79 1.40
N GLU A 230 2.62 1.17 2.27
CA GLU A 230 2.55 0.81 3.70
C GLU A 230 1.45 1.57 4.46
N ILE A 231 1.14 2.78 4.04
CA ILE A 231 0.01 3.49 4.66
C ILE A 231 -1.39 2.96 4.25
N ARG A 232 -1.49 2.15 3.17
CA ARG A 232 -2.76 1.51 2.82
C ARG A 232 -3.12 0.43 3.87
N THR A 233 -2.13 -0.35 4.30
CA THR A 233 -2.28 -1.27 5.43
C THR A 233 -2.71 -0.58 6.72
N LEU A 234 -2.01 0.49 7.12
CA LEU A 234 -2.34 1.20 8.34
C LEU A 234 -3.71 1.86 8.31
N GLY A 235 -4.05 2.45 7.16
CA GLY A 235 -5.38 3.03 6.96
C GLY A 235 -6.50 2.02 7.11
N MET A 236 -6.29 0.82 6.55
CA MET A 236 -7.28 -0.24 6.66
C MET A 236 -7.37 -0.79 8.07
N GLN A 237 -6.22 -0.88 8.76
CA GLN A 237 -6.21 -1.20 10.19
C GLN A 237 -6.99 -0.18 11.02
N ASN A 238 -6.87 1.10 10.66
CA ASN A 238 -7.66 2.16 11.29
C ASN A 238 -9.16 1.96 11.13
N SER A 239 -9.58 1.57 9.92
CA SER A 239 -10.95 1.13 9.61
C SER A 239 -11.43 0.02 10.52
N ASN A 240 -10.65 -1.06 10.61
CA ASN A 240 -10.96 -2.22 11.43
C ASN A 240 -11.08 -1.91 12.91
N MET A 241 -10.22 -1.02 13.38
CA MET A 241 -10.24 -0.54 14.75
C MET A 241 -11.57 0.17 15.06
N CYS A 242 -12.00 1.05 14.15
CA CYS A 242 -13.25 1.79 14.29
C CYS A 242 -14.46 0.86 14.31
N ILE A 243 -14.47 -0.11 13.40
CA ILE A 243 -15.52 -1.12 13.33
C ILE A 243 -15.53 -1.94 14.62
N SER A 244 -14.35 -2.33 15.07
CA SER A 244 -14.23 -3.10 16.31
C SER A 244 -14.83 -2.33 17.49
N LEU A 245 -14.41 -1.07 17.64
CA LEU A 245 -14.89 -0.19 18.72
C LEU A 245 -16.42 -0.02 18.74
N LYS A 246 -17.02 0.09 17.56
CA LYS A 246 -18.46 0.20 17.41
C LYS A 246 -19.13 -1.09 17.86
N LEU A 247 -18.64 -2.22 17.34
CA LEU A 247 -19.12 -3.56 17.73
C LEU A 247 -18.98 -3.84 19.22
N LYS A 248 -17.90 -3.36 19.82
CA LYS A 248 -17.67 -3.50 21.27
C LYS A 248 -18.36 -2.39 22.07
N ASN A 249 -19.36 -1.75 21.48
CA ASN A 249 -20.13 -0.67 22.11
C ASN A 249 -19.26 0.34 22.85
N ARG A 250 -18.25 0.85 22.15
CA ARG A 250 -17.39 1.89 22.68
C ARG A 250 -17.79 3.24 22.08
N LYS A 251 -17.46 4.31 22.79
CA LYS A 251 -18.03 5.63 22.51
C LYS A 251 -17.30 6.40 21.40
N LEU A 252 -17.43 5.91 20.18
CA LEU A 252 -16.77 6.47 19.01
C LEU A 252 -17.56 7.63 18.39
N PRO A 253 -16.95 8.83 18.34
CA PRO A 253 -17.61 10.05 17.85
C PRO A 253 -18.23 9.88 16.46
N PRO A 254 -19.36 10.57 16.18
CA PRO A 254 -20.04 10.46 14.89
C PRO A 254 -19.28 11.11 13.74
N PHE A 255 -18.47 12.13 14.04
CA PHE A 255 -17.60 12.78 13.07
C PHE A 255 -16.68 11.75 12.38
N LEU A 256 -16.15 10.84 13.19
CA LEU A 256 -15.19 9.83 12.74
C LEU A 256 -15.89 8.62 12.10
N GLU A 257 -17.01 8.22 12.71
CA GLU A 257 -17.88 7.17 12.18
C GLU A 257 -18.33 7.54 10.76
N GLU A 258 -18.71 8.80 10.59
CA GLU A 258 -19.09 9.37 9.30
C GLU A 258 -17.98 9.29 8.24
N ILE A 259 -16.83 9.91 8.49
CA ILE A 259 -15.75 9.96 7.49
C ILE A 259 -15.15 8.58 7.14
N TRP A 260 -15.15 7.68 8.12
CA TRP A 260 -14.55 6.36 7.94
C TRP A 260 -15.56 5.24 7.75
N ASP A 261 -16.81 5.62 7.47
CA ASP A 261 -17.87 4.70 7.04
C ASP A 261 -18.05 3.49 7.97
N VAL A 262 -17.99 3.76 9.27
CA VAL A 262 -18.15 2.75 10.30
C VAL A 262 -19.63 2.36 10.34
N ALA A 263 -20.01 1.47 9.43
CA ALA A 263 -21.37 0.92 9.43
C ALA A 263 -21.48 -0.11 10.54
N GLN B 3 26.34 -13.96 -10.07
CA GLN B 3 25.01 -13.66 -10.67
C GLN B 3 24.37 -12.43 -10.02
N GLU B 4 24.09 -11.42 -10.83
CA GLU B 4 23.56 -10.16 -10.35
C GLU B 4 22.05 -10.02 -10.54
N LEU B 5 21.43 -9.33 -9.57
CA LEU B 5 20.03 -8.98 -9.64
C LEU B 5 19.91 -7.97 -10.78
N SER B 6 19.32 -8.43 -11.89
CA SER B 6 19.09 -7.57 -13.04
C SER B 6 17.76 -7.95 -13.67
N ILE B 7 17.19 -7.02 -14.41
CA ILE B 7 15.98 -7.27 -15.20
C ILE B 7 16.19 -8.38 -16.22
N GLU B 8 17.41 -8.46 -16.76
CA GLU B 8 17.84 -9.54 -17.66
C GLU B 8 17.68 -10.92 -17.01
N ARG B 9 18.13 -11.06 -15.77
CA ARG B 9 18.04 -12.34 -15.05
C ARG B 9 16.62 -12.64 -14.58
N LEU B 10 15.88 -11.64 -14.15
CA LEU B 10 14.48 -11.84 -13.78
C LEU B 10 13.67 -12.30 -14.99
N LEU B 11 14.01 -11.76 -16.15
CA LEU B 11 13.38 -12.11 -17.42
C LEU B 11 13.59 -13.59 -17.78
N GLU B 12 14.80 -14.10 -17.62
CA GLU B 12 15.09 -15.52 -17.87
C GLU B 12 14.60 -16.46 -16.74
N MET B 13 13.97 -15.89 -15.71
CA MET B 13 13.43 -16.67 -14.59
C MET B 13 11.94 -17.00 -14.76
N GLU B 14 11.27 -16.23 -15.63
CA GLU B 14 9.87 -16.48 -15.99
C GLU B 14 9.67 -17.75 -16.81
N SER B 15 10.64 -18.10 -17.64
CA SER B 15 10.55 -19.30 -18.47
C SER B 15 11.15 -20.53 -17.78
N LEU B 16 10.77 -20.75 -16.52
CA LEU B 16 11.21 -21.92 -15.75
C LEU B 16 10.04 -22.49 -14.95
N VAL B 17 9.94 -23.82 -14.93
CA VAL B 17 8.76 -24.49 -14.37
C VAL B 17 8.96 -25.08 -12.97
N ALA B 18 8.05 -24.72 -12.07
CA ALA B 18 7.97 -25.28 -10.72
C ALA B 18 7.80 -26.80 -10.74
N ASP B 19 8.37 -27.46 -9.73
CA ASP B 19 8.24 -28.90 -9.56
C ASP B 19 6.85 -29.28 -9.04
N PRO B 20 6.23 -30.35 -9.62
CA PRO B 20 4.89 -30.79 -9.22
C PRO B 20 4.79 -31.31 -7.77
N SER B 21 5.87 -31.86 -7.23
CA SER B 21 5.89 -32.44 -5.89
C SER B 21 6.16 -31.41 -4.78
N GLU B 22 5.26 -30.43 -4.67
CA GLU B 22 5.26 -29.47 -3.57
C GLU B 22 3.80 -29.21 -3.17
N GLU B 23 3.12 -30.28 -2.74
CA GLU B 23 1.70 -30.22 -2.39
C GLU B 23 1.50 -29.54 -1.03
N PHE B 24 1.42 -28.22 -1.03
CA PHE B 24 1.19 -27.47 0.21
C PHE B 24 -0.13 -26.74 0.19
N GLN B 25 -0.89 -26.89 1.26
CA GLN B 25 -2.25 -26.37 1.32
C GLN B 25 -2.37 -25.02 1.99
N PHE B 26 -1.83 -23.98 1.35
CA PHE B 26 -2.01 -22.60 1.81
C PHE B 26 -3.51 -22.29 1.81
N LEU B 27 -4.18 -22.74 0.75
CA LEU B 27 -5.61 -22.56 0.56
C LEU B 27 -6.30 -23.91 0.56
N ARG B 28 -7.44 -23.96 1.24
CA ARG B 28 -8.27 -25.16 1.37
C ARG B 28 -9.64 -24.79 1.93
N VAL B 29 -10.66 -25.51 1.48
CA VAL B 29 -11.98 -25.43 2.10
C VAL B 29 -11.86 -26.14 3.45
N GLY B 30 -12.03 -25.39 4.53
CA GLY B 30 -11.89 -25.95 5.88
C GLY B 30 -13.01 -26.91 6.28
N PRO B 31 -12.89 -27.53 7.46
CA PRO B 31 -14.04 -28.25 8.02
C PRO B 31 -15.03 -27.29 8.66
N ASP B 32 -14.52 -26.11 9.03
CA ASP B 32 -15.31 -25.06 9.66
C ASP B 32 -16.00 -24.12 8.66
N SER B 33 -15.58 -24.18 7.40
CA SER B 33 -15.99 -23.23 6.35
C SER B 33 -17.51 -23.06 6.16
N ASN B 34 -17.91 -21.83 5.86
CA ASN B 34 -19.29 -21.49 5.55
C ASN B 34 -19.66 -21.55 4.05
N VAL B 35 -18.76 -22.11 3.23
CA VAL B 35 -19.07 -22.36 1.82
C VAL B 35 -20.17 -23.41 1.72
N PRO B 36 -21.26 -23.12 0.98
CA PRO B 36 -22.37 -24.05 0.82
C PRO B 36 -21.91 -25.35 0.16
N PRO B 37 -22.50 -26.49 0.56
CA PRO B 37 -22.19 -27.82 0.02
C PRO B 37 -22.01 -27.89 -1.50
N LYS B 38 -23.00 -27.40 -2.24
CA LYS B 38 -22.98 -27.39 -3.72
C LYS B 38 -21.74 -26.71 -4.32
N PHE B 39 -21.23 -25.68 -3.64
CA PHE B 39 -20.07 -24.95 -4.15
C PHE B 39 -18.73 -25.32 -3.50
N ARG B 40 -18.67 -26.40 -2.71
CA ARG B 40 -17.41 -26.86 -2.11
C ARG B 40 -16.42 -27.34 -3.17
N ALA B 41 -16.96 -28.03 -4.18
CA ALA B 41 -16.15 -28.66 -5.20
C ALA B 41 -15.40 -27.62 -6.06
N PRO B 42 -16.13 -26.66 -6.68
CA PRO B 42 -15.50 -25.55 -7.40
C PRO B 42 -14.49 -24.75 -6.60
N VAL B 43 -14.84 -24.37 -5.37
CA VAL B 43 -13.96 -23.60 -4.49
C VAL B 43 -12.70 -24.40 -4.07
N SER B 44 -12.89 -25.68 -3.77
CA SER B 44 -11.79 -26.58 -3.45
C SER B 44 -10.82 -26.69 -4.63
N SER B 45 -11.38 -26.88 -5.83
CA SER B 45 -10.61 -26.82 -7.07
C SER B 45 -9.79 -25.52 -7.22
N LEU B 46 -10.42 -24.38 -6.95
CA LEU B 46 -9.74 -23.07 -7.07
C LEU B 46 -8.65 -22.88 -6.03
N CYS B 47 -8.87 -23.44 -4.84
CA CYS B 47 -7.86 -23.48 -3.78
C CYS B 47 -6.61 -24.24 -4.23
N GLN B 48 -6.84 -25.37 -4.90
CA GLN B 48 -5.81 -26.24 -5.47
C GLN B 48 -5.02 -25.54 -6.58
N ILE B 49 -5.74 -24.81 -7.43
CA ILE B 49 -5.11 -24.00 -8.47
C ILE B 49 -4.23 -22.93 -7.85
N GLY B 50 -4.70 -22.27 -6.79
CA GLY B 50 -3.90 -21.28 -6.06
C GLY B 50 -2.70 -21.86 -5.34
N ASN B 51 -2.86 -23.05 -4.76
CA ASN B 51 -1.74 -23.75 -4.14
C ASN B 51 -0.59 -24.07 -5.08
N LYS B 52 -0.92 -24.45 -6.32
CA LYS B 52 0.06 -24.66 -7.40
C LYS B 52 0.86 -23.41 -7.72
N GLN B 53 0.16 -22.29 -7.88
CA GLN B 53 0.77 -21.00 -8.10
C GLN B 53 1.62 -20.52 -6.92
N ILE B 54 1.10 -20.62 -5.71
CA ILE B 54 1.90 -20.27 -4.52
C ILE B 54 3.21 -21.03 -4.52
N ALA B 55 3.13 -22.34 -4.77
CA ALA B 55 4.31 -23.21 -4.79
C ALA B 55 5.30 -22.77 -5.88
N ALA B 56 4.76 -22.33 -7.02
CA ALA B 56 5.57 -21.76 -8.09
C ALA B 56 6.26 -20.45 -7.69
N LEU B 57 5.58 -19.62 -6.89
CA LEU B 57 6.17 -18.36 -6.43
C LEU B 57 7.30 -18.56 -5.41
N VAL B 58 7.21 -19.64 -4.62
CA VAL B 58 8.25 -20.02 -3.66
C VAL B 58 9.55 -20.44 -4.38
N VAL B 59 9.43 -21.32 -5.37
CA VAL B 59 10.60 -21.76 -6.15
C VAL B 59 11.17 -20.58 -6.96
N TRP B 60 10.30 -19.70 -7.41
CA TRP B 60 10.70 -18.45 -8.07
C TRP B 60 11.51 -17.55 -7.13
N ALA B 61 10.93 -17.22 -5.98
CA ALA B 61 11.58 -16.35 -4.99
C ALA B 61 12.94 -16.89 -4.56
N ARG B 62 12.99 -18.18 -4.22
CA ARG B 62 14.22 -18.82 -3.75
C ARG B 62 15.41 -18.68 -4.71
N ASP B 63 15.15 -18.54 -6.00
CA ASP B 63 16.22 -18.47 -7.01
C ASP B 63 16.52 -17.04 -7.53
N ILE B 64 15.84 -16.05 -6.97
CA ILE B 64 16.19 -14.63 -7.18
C ILE B 64 17.63 -14.35 -6.69
N PRO B 65 18.47 -13.75 -7.57
CA PRO B 65 19.86 -13.48 -7.19
C PRO B 65 19.94 -12.83 -5.81
N HIS B 66 20.80 -13.38 -4.96
CA HIS B 66 21.07 -12.89 -3.59
C HIS B 66 20.02 -13.26 -2.53
N PHE B 67 18.89 -13.82 -2.96
CA PHE B 67 17.81 -14.15 -2.03
C PHE B 67 18.14 -15.32 -1.10
N SER B 68 18.71 -16.39 -1.66
CA SER B 68 19.06 -17.58 -0.87
C SER B 68 20.20 -17.30 0.12
N GLN B 69 20.88 -16.18 -0.09
CA GLN B 69 22.00 -15.74 0.75
C GLN B 69 21.50 -14.94 1.95
N LEU B 70 20.22 -14.59 1.96
CA LEU B 70 19.57 -13.96 3.11
C LEU B 70 19.31 -15.01 4.20
N GLU B 71 19.29 -14.56 5.45
CA GLU B 71 18.81 -15.36 6.59
C GLU B 71 17.57 -16.17 6.22
N MET B 72 17.53 -17.44 6.63
CA MET B 72 16.40 -18.31 6.33
C MET B 72 15.06 -17.78 6.90
N GLU B 73 15.08 -17.35 8.15
CA GLU B 73 13.87 -16.80 8.78
C GLU B 73 13.32 -15.58 8.06
N ASP B 74 14.22 -14.75 7.52
CA ASP B 74 13.86 -13.57 6.73
C ASP B 74 13.22 -13.96 5.40
N GLN B 75 13.80 -14.96 4.73
CA GLN B 75 13.25 -15.50 3.48
C GLN B 75 11.78 -15.91 3.65
N ILE B 76 11.50 -16.63 4.73
CA ILE B 76 10.14 -17.07 5.08
C ILE B 76 9.20 -15.87 5.27
N LEU B 77 9.70 -14.83 5.95
CA LEU B 77 8.93 -13.63 6.23
C LEU B 77 8.59 -12.86 4.95
N LEU B 78 9.57 -12.71 4.06
CA LEU B 78 9.34 -12.04 2.77
C LEU B 78 8.31 -12.73 1.88
N ILE B 79 8.32 -14.06 1.85
CA ILE B 79 7.34 -14.80 1.03
C ILE B 79 5.96 -14.75 1.69
N LYS B 80 5.93 -14.88 3.01
CA LYS B 80 4.70 -14.81 3.78
C LYS B 80 4.00 -13.46 3.61
N GLY B 81 4.78 -12.38 3.68
CA GLY B 81 4.25 -11.05 3.48
C GLY B 81 3.84 -10.69 2.07
N SER B 82 4.32 -11.43 1.07
CA SER B 82 4.10 -11.03 -0.33
C SER B 82 3.29 -11.98 -1.23
N TRP B 83 3.06 -13.23 -0.80
CA TRP B 83 2.47 -14.24 -1.71
C TRP B 83 1.11 -13.82 -2.28
N ASN B 84 0.26 -13.26 -1.42
CA ASN B 84 -1.09 -12.84 -1.82
C ASN B 84 -1.02 -11.72 -2.86
N GLU B 85 -0.22 -10.69 -2.59
CA GLU B 85 0.02 -9.64 -3.59
C GLU B 85 0.60 -10.21 -4.88
N LEU B 86 1.60 -11.08 -4.79
CA LEU B 86 2.18 -11.66 -6.01
C LEU B 86 1.15 -12.44 -6.84
N LEU B 87 0.30 -13.22 -6.18
CA LEU B 87 -0.74 -14.00 -6.89
C LEU B 87 -1.73 -13.11 -7.63
N LEU B 88 -2.16 -12.02 -6.97
CA LEU B 88 -3.11 -11.09 -7.58
C LEU B 88 -2.47 -10.31 -8.72
N PHE B 89 -1.22 -9.91 -8.52
CA PHE B 89 -0.44 -9.25 -9.56
C PHE B 89 -0.34 -10.11 -10.81
N ALA B 90 -0.12 -11.41 -10.62
CA ALA B 90 0.06 -12.35 -11.73
C ALA B 90 -1.27 -12.57 -12.46
N ILE B 91 -2.36 -12.63 -11.70
CA ILE B 91 -3.72 -12.70 -12.24
C ILE B 91 -4.04 -11.48 -13.13
N ALA B 92 -3.61 -10.32 -12.68
CA ALA B 92 -3.84 -9.04 -13.35
C ALA B 92 -3.03 -8.92 -14.64
N TRP B 93 -1.82 -9.47 -14.63
CA TRP B 93 -0.97 -9.54 -15.83
C TRP B 93 -1.58 -10.47 -16.87
N ARG B 94 -2.01 -11.64 -16.41
CA ARG B 94 -2.61 -12.65 -17.29
C ARG B 94 -3.94 -12.19 -17.90
N SER B 95 -4.71 -11.42 -17.13
CA SER B 95 -6.05 -10.99 -17.55
C SER B 95 -6.07 -9.84 -18.53
N MET B 96 -4.91 -9.21 -18.78
CA MET B 96 -4.80 -8.14 -19.79
C MET B 96 -5.21 -8.65 -21.18
N GLU B 97 -4.85 -9.91 -21.45
CA GLU B 97 -5.22 -10.60 -22.69
C GLU B 97 -6.72 -10.67 -22.93
N PHE B 98 -7.51 -10.75 -21.86
CA PHE B 98 -8.94 -10.94 -22.00
C PHE B 98 -9.75 -9.65 -21.99
N LEU B 99 -9.04 -8.52 -21.90
CA LEU B 99 -9.67 -7.21 -22.10
C LEU B 99 -9.79 -6.98 -23.62
N THR B 100 -11.00 -6.72 -24.07
CA THR B 100 -11.23 -6.45 -25.49
C THR B 100 -11.47 -4.96 -25.73
N THR B 113 -21.88 1.28 -23.41
CA THR B 113 -20.57 1.62 -23.94
C THR B 113 -19.48 1.25 -22.93
N THR B 114 -18.41 0.64 -23.44
CA THR B 114 -17.26 0.19 -22.62
C THR B 114 -17.69 -0.58 -21.36
N SER B 115 -18.52 -1.61 -21.56
CA SER B 115 -18.97 -2.52 -20.50
C SER B 115 -17.79 -3.03 -19.68
N PRO B 116 -17.96 -3.17 -18.34
CA PRO B 116 -16.84 -3.59 -17.50
C PRO B 116 -16.32 -5.00 -17.85
N PRO B 117 -14.99 -5.19 -17.83
CA PRO B 117 -14.33 -6.47 -18.16
C PRO B 117 -15.00 -7.67 -17.47
N GLN B 118 -15.10 -8.79 -18.16
CA GLN B 118 -15.89 -9.91 -17.65
C GLN B 118 -15.05 -11.13 -17.25
N LEU B 119 -13.74 -11.07 -17.50
CA LEU B 119 -12.93 -12.28 -17.49
C LEU B 119 -11.62 -12.11 -16.75
N MET B 120 -11.40 -12.99 -15.78
CA MET B 120 -10.19 -12.96 -14.98
C MET B 120 -9.41 -14.25 -15.21
N CYS B 121 -8.20 -14.12 -15.73
CA CYS B 121 -7.35 -15.27 -15.96
C CYS B 121 -6.69 -15.77 -14.69
N LEU B 122 -7.22 -16.87 -14.16
CA LEU B 122 -6.65 -17.50 -12.99
C LEU B 122 -5.37 -18.24 -13.29
N MET B 123 -5.28 -18.79 -14.49
CA MET B 123 -4.16 -19.60 -14.94
C MET B 123 -4.36 -19.83 -16.44
N PRO B 124 -3.28 -20.15 -17.18
CA PRO B 124 -3.36 -20.51 -18.59
C PRO B 124 -4.52 -21.45 -18.89
N GLY B 125 -5.40 -21.02 -19.79
CA GLY B 125 -6.55 -21.82 -20.19
C GLY B 125 -7.81 -21.50 -19.40
N MET B 126 -7.64 -21.25 -18.11
CA MET B 126 -8.75 -21.13 -17.16
C MET B 126 -9.08 -19.68 -16.83
N THR B 127 -10.38 -19.36 -16.92
CA THR B 127 -10.85 -18.02 -16.64
C THR B 127 -12.00 -18.06 -15.66
N LEU B 128 -12.17 -16.95 -14.95
CA LEU B 128 -13.23 -16.79 -13.99
C LEU B 128 -14.12 -15.69 -14.54
N HIS B 129 -15.42 -15.97 -14.61
CA HIS B 129 -16.37 -15.01 -15.14
C HIS B 129 -16.93 -14.12 -14.05
N ARG B 130 -17.20 -12.86 -14.41
CA ARG B 130 -17.74 -11.89 -13.47
C ARG B 130 -19.00 -12.38 -12.74
N ASN B 131 -19.97 -12.90 -13.48
CA ASN B 131 -21.23 -13.41 -12.89
C ASN B 131 -21.02 -14.37 -11.72
N SER B 132 -19.91 -15.10 -11.75
CA SER B 132 -19.56 -16.03 -10.69
C SER B 132 -18.98 -15.32 -9.48
N ALA B 133 -18.18 -14.27 -9.71
CA ALA B 133 -17.70 -13.41 -8.64
C ALA B 133 -18.87 -12.72 -7.97
N LEU B 134 -19.84 -12.28 -8.78
CA LEU B 134 -21.09 -11.72 -8.28
C LEU B 134 -21.85 -12.73 -7.39
N GLN B 135 -22.10 -13.94 -7.92
CA GLN B 135 -22.67 -15.03 -7.11
C GLN B 135 -21.94 -15.23 -5.79
N ALA B 136 -20.61 -15.24 -5.83
CA ALA B 136 -19.79 -15.43 -4.64
C ALA B 136 -19.64 -14.19 -3.76
N GLY B 137 -20.30 -13.10 -4.15
CA GLY B 137 -20.22 -11.82 -3.43
C GLY B 137 -18.88 -11.10 -3.46
N VAL B 138 -18.03 -11.42 -4.42
CA VAL B 138 -16.72 -10.76 -4.56
C VAL B 138 -16.60 -9.92 -5.85
N GLY B 139 -17.73 -9.41 -6.34
CA GLY B 139 -17.76 -8.56 -7.54
C GLY B 139 -16.94 -7.26 -7.47
N GLN B 140 -17.07 -6.52 -6.37
CA GLN B 140 -16.31 -5.27 -6.17
C GLN B 140 -14.83 -5.49 -6.41
N ILE B 141 -14.29 -6.49 -5.71
CA ILE B 141 -12.86 -6.77 -5.77
C ILE B 141 -12.40 -7.32 -7.13
N PHE B 142 -13.25 -8.15 -7.75
CA PHE B 142 -13.03 -8.68 -9.08
C PHE B 142 -12.84 -7.50 -10.03
N ASP B 143 -13.73 -6.52 -9.93
CA ASP B 143 -13.69 -5.29 -10.73
C ASP B 143 -12.45 -4.44 -10.49
N ARG B 144 -11.99 -4.37 -9.24
CA ARG B 144 -10.83 -3.55 -8.89
C ARG B 144 -9.53 -4.15 -9.42
N VAL B 145 -9.43 -5.47 -9.36
CA VAL B 145 -8.30 -6.17 -9.98
C VAL B 145 -8.27 -5.81 -11.47
N LEU B 146 -9.43 -5.89 -12.12
CA LEU B 146 -9.48 -5.74 -13.57
C LEU B 146 -9.34 -4.29 -14.04
N SER B 147 -9.78 -3.33 -13.23
CA SER B 147 -9.65 -1.92 -13.62
C SER B 147 -8.36 -1.26 -13.12
N GLU B 148 -8.06 -1.41 -11.82
CA GLU B 148 -6.90 -0.74 -11.21
C GLU B 148 -5.59 -1.45 -11.53
N LEU B 149 -5.69 -2.71 -11.93
CA LEU B 149 -4.48 -3.45 -12.26
C LEU B 149 -4.42 -3.75 -13.75
N SER B 150 -5.25 -4.67 -14.23
CA SER B 150 -5.20 -5.13 -15.64
C SER B 150 -5.33 -3.98 -16.65
N LEU B 151 -6.42 -3.23 -16.52
CA LEU B 151 -6.74 -2.15 -17.45
C LEU B 151 -5.69 -1.05 -17.41
N LYS B 152 -5.26 -0.72 -16.20
CA LYS B 152 -4.24 0.29 -15.97
C LYS B 152 -2.90 -0.12 -16.57
N MET B 153 -2.51 -1.37 -16.39
CA MET B 153 -1.25 -1.88 -16.96
C MET B 153 -1.28 -1.95 -18.49
N ARG B 154 -2.47 -2.04 -19.05
CA ARG B 154 -2.63 -2.02 -20.51
C ARG B 154 -2.49 -0.61 -21.07
N THR B 155 -3.19 0.34 -20.46
CA THR B 155 -3.07 1.77 -20.80
C THR B 155 -1.62 2.25 -20.68
N LEU B 156 -0.95 1.87 -19.60
CA LEU B 156 0.46 2.22 -19.37
C LEU B 156 1.42 1.46 -20.28
N ARG B 157 0.91 0.41 -20.93
CA ARG B 157 1.71 -0.50 -21.74
C ARG B 157 2.89 -1.12 -20.96
N VAL B 158 2.65 -1.59 -19.73
CA VAL B 158 3.76 -2.21 -18.99
C VAL B 158 4.23 -3.47 -19.75
N ASP B 159 5.54 -3.58 -19.96
CA ASP B 159 6.07 -4.76 -20.65
C ASP B 159 6.57 -5.78 -19.63
N GLN B 160 7.02 -6.93 -20.12
CA GLN B 160 7.39 -8.04 -19.24
C GLN B 160 8.56 -7.69 -18.32
N ALA B 161 9.47 -6.87 -18.82
CA ALA B 161 10.63 -6.39 -18.07
C ALA B 161 10.17 -5.56 -16.88
N GLU B 162 9.28 -4.62 -17.16
CA GLU B 162 8.65 -3.81 -16.13
C GLU B 162 7.87 -4.66 -15.13
N TYR B 163 7.16 -5.66 -15.63
CA TYR B 163 6.38 -6.57 -14.78
C TYR B 163 7.25 -7.39 -13.82
N VAL B 164 8.35 -7.97 -14.30
CA VAL B 164 9.20 -8.82 -13.43
C VAL B 164 10.01 -7.99 -12.42
N ALA B 165 10.31 -6.75 -12.80
CA ALA B 165 10.93 -5.78 -11.92
C ALA B 165 10.02 -5.48 -10.74
N LEU B 166 8.74 -5.21 -11.01
CA LEU B 166 7.78 -4.89 -9.95
C LEU B 166 7.51 -6.07 -9.00
N LYS B 167 7.49 -7.28 -9.55
CA LYS B 167 7.39 -8.52 -8.78
C LYS B 167 8.50 -8.64 -7.74
N ALA B 168 9.75 -8.42 -8.18
CA ALA B 168 10.90 -8.47 -7.29
C ALA B 168 10.85 -7.38 -6.23
N ILE B 169 10.40 -6.19 -6.62
CA ILE B 169 10.24 -5.09 -5.68
C ILE B 169 9.16 -5.40 -4.64
N ILE B 170 8.08 -6.05 -5.08
CA ILE B 170 7.01 -6.47 -4.17
C ILE B 170 7.53 -7.42 -3.10
N LEU B 171 8.24 -8.46 -3.53
CA LEU B 171 8.84 -9.42 -2.63
C LEU B 171 9.89 -8.81 -1.69
N LEU B 172 10.79 -8.02 -2.24
CA LEU B 172 11.95 -7.53 -1.52
C LEU B 172 11.60 -6.31 -0.66
N ASN B 173 10.81 -6.56 0.37
CA ASN B 173 10.23 -5.52 1.21
C ASN B 173 10.94 -5.44 2.57
N PRO B 174 11.75 -4.39 2.78
CA PRO B 174 12.53 -4.34 4.03
C PRO B 174 11.71 -3.92 5.26
N ASP B 175 10.45 -3.54 5.04
CA ASP B 175 9.58 -3.06 6.11
C ASP B 175 8.72 -4.19 6.71
N VAL B 176 9.00 -5.44 6.29
CA VAL B 176 8.34 -6.63 6.82
C VAL B 176 8.70 -6.79 8.28
N LYS B 177 7.67 -6.98 9.10
CA LYS B 177 7.84 -7.03 10.55
C LYS B 177 8.56 -8.31 11.00
N GLY B 178 9.65 -8.13 11.72
CA GLY B 178 10.40 -9.26 12.30
C GLY B 178 11.65 -9.70 11.57
N LEU B 179 12.00 -8.99 10.50
CA LEU B 179 13.24 -9.24 9.76
C LEU B 179 14.48 -9.09 10.64
N LYS B 180 15.44 -9.99 10.45
CA LYS B 180 16.71 -9.91 11.16
C LYS B 180 17.63 -8.90 10.49
N ASN B 181 18.10 -9.22 9.27
CA ASN B 181 19.01 -8.31 8.55
C ASN B 181 18.27 -7.43 7.55
N ARG B 182 17.48 -6.53 8.11
CA ARG B 182 16.68 -5.56 7.38
C ARG B 182 17.44 -4.86 6.23
N GLN B 183 18.68 -4.45 6.51
CA GLN B 183 19.52 -3.78 5.54
C GLN B 183 19.91 -4.61 4.31
N GLU B 184 20.00 -5.93 4.51
CA GLU B 184 20.31 -6.86 3.42
C GLU B 184 19.15 -7.00 2.42
N VAL B 185 17.94 -6.71 2.86
CA VAL B 185 16.81 -6.64 1.95
C VAL B 185 16.78 -5.28 1.24
N GLU B 186 17.05 -4.22 2.00
CA GLU B 186 17.04 -2.85 1.51
C GLU B 186 18.00 -2.67 0.34
N VAL B 187 19.18 -3.29 0.42
CA VAL B 187 20.16 -3.27 -0.67
C VAL B 187 19.62 -3.96 -1.93
N LEU B 188 18.87 -5.05 -1.73
CA LEU B 188 18.29 -5.77 -2.87
C LEU B 188 17.16 -4.99 -3.54
N ARG B 189 16.33 -4.33 -2.74
CA ARG B 189 15.27 -3.47 -3.27
C ARG B 189 15.78 -2.19 -3.95
N GLU B 190 16.76 -1.54 -3.33
CA GLU B 190 17.40 -0.35 -3.92
C GLU B 190 18.03 -0.66 -5.29
N LYS B 191 18.64 -1.85 -5.39
CA LYS B 191 19.14 -2.37 -6.66
C LYS B 191 18.04 -2.42 -7.72
N MET B 192 16.85 -2.86 -7.31
CA MET B 192 15.69 -2.96 -8.19
C MET B 192 15.14 -1.61 -8.63
N PHE B 193 15.16 -0.61 -7.74
CA PHE B 193 14.78 0.76 -8.13
C PHE B 193 15.67 1.30 -9.24
N LEU B 194 16.98 1.04 -9.11
CA LEU B 194 17.98 1.44 -10.09
C LEU B 194 17.73 0.77 -11.43
N CYS B 195 17.63 -0.55 -11.42
CA CYS B 195 17.24 -1.33 -12.60
C CYS B 195 15.98 -0.82 -13.29
N LEU B 196 14.93 -0.61 -12.51
CA LEU B 196 13.65 -0.15 -13.06
C LEU B 196 13.75 1.24 -13.68
N ASP B 197 14.40 2.17 -12.98
CA ASP B 197 14.58 3.54 -13.44
C ASP B 197 15.44 3.60 -14.72
N GLU B 198 16.57 2.88 -14.72
CA GLU B 198 17.43 2.74 -15.89
C GLU B 198 16.63 2.29 -17.11
N TYR B 199 15.89 1.20 -16.95
CA TYR B 199 15.03 0.64 -18.00
C TYR B 199 14.00 1.63 -18.56
N CYS B 200 13.33 2.35 -17.66
CA CYS B 200 12.30 3.32 -18.03
C CYS B 200 12.82 4.52 -18.84
N ARG B 201 14.03 4.97 -18.52
CA ARG B 201 14.68 6.08 -19.23
C ARG B 201 15.20 5.67 -20.60
N ARG B 202 15.17 4.37 -20.88
CA ARG B 202 15.70 3.82 -22.12
C ARG B 202 14.61 3.29 -23.05
N SER B 203 13.74 2.43 -22.52
CA SER B 203 12.59 1.93 -23.28
C SER B 203 11.56 3.02 -23.60
N ARG B 204 11.44 4.00 -22.70
CA ARG B 204 10.46 5.09 -22.83
C ARG B 204 11.00 6.42 -22.32
N SER B 205 11.93 7.01 -23.07
CA SER B 205 12.58 8.26 -22.69
C SER B 205 11.68 9.48 -22.95
N SER B 206 10.67 9.28 -23.78
CA SER B 206 9.67 10.31 -24.12
C SER B 206 8.74 10.65 -22.95
N GLU B 207 8.27 9.62 -22.25
CA GLU B 207 7.26 9.77 -21.20
C GLU B 207 7.85 10.08 -19.85
N GLU B 208 7.79 11.35 -19.46
CA GLU B 208 8.03 11.72 -18.07
C GLU B 208 6.99 11.01 -17.20
N GLY B 209 7.43 10.53 -16.04
CA GLY B 209 6.52 10.02 -15.03
C GLY B 209 6.29 8.53 -15.04
N ARG B 210 6.99 7.80 -15.91
CA ARG B 210 6.80 6.35 -16.02
C ARG B 210 7.25 5.60 -14.77
N PHE B 211 8.40 5.97 -14.21
CA PHE B 211 8.92 5.38 -12.97
C PHE B 211 7.86 5.45 -11.85
N ALA B 212 7.37 6.65 -11.54
CA ALA B 212 6.26 6.88 -10.59
C ALA B 212 4.96 6.15 -10.97
N ALA B 213 4.60 6.19 -12.26
CA ALA B 213 3.38 5.55 -12.76
C ALA B 213 3.39 4.04 -12.56
N LEU B 214 4.55 3.42 -12.74
CA LEU B 214 4.67 1.97 -12.50
C LEU B 214 4.51 1.66 -11.01
N LEU B 215 5.13 2.48 -10.17
CA LEU B 215 5.14 2.24 -8.71
C LEU B 215 3.84 2.62 -8.01
N LEU B 216 3.00 3.42 -8.66
CA LEU B 216 1.66 3.75 -8.16
C LEU B 216 0.70 2.58 -8.20
N ARG B 217 1.09 1.49 -8.85
CA ARG B 217 0.25 0.29 -8.93
C ARG B 217 0.31 -0.52 -7.64
N LEU B 218 1.43 -0.36 -6.94
CA LEU B 218 1.79 -1.12 -5.75
C LEU B 218 0.87 -0.84 -4.54
N PRO B 219 0.59 0.43 -4.23
CA PRO B 219 -0.41 0.72 -3.18
C PRO B 219 -1.80 0.17 -3.52
N ALA B 220 -2.22 0.32 -4.77
CA ALA B 220 -3.48 -0.24 -5.27
C ALA B 220 -3.53 -1.75 -5.04
N LEU B 221 -2.44 -2.44 -5.38
CA LEU B 221 -2.30 -3.87 -5.17
C LEU B 221 -2.33 -4.25 -3.68
N ARG B 222 -1.79 -3.39 -2.82
CA ARG B 222 -1.84 -3.62 -1.38
C ARG B 222 -3.28 -3.59 -0.85
N SER B 223 -4.01 -2.49 -1.12
CA SER B 223 -5.44 -2.40 -0.79
C SER B 223 -6.21 -3.64 -1.27
N ILE B 224 -6.10 -3.97 -2.57
CA ILE B 224 -6.83 -5.11 -3.14
C ILE B 224 -6.48 -6.42 -2.45
N SER B 225 -5.19 -6.60 -2.16
CA SER B 225 -4.69 -7.75 -1.41
C SER B 225 -5.26 -7.84 -0.01
N LEU B 226 -5.36 -6.71 0.70
CA LEU B 226 -5.91 -6.69 2.04
C LEU B 226 -7.40 -7.03 2.03
N LYS B 227 -8.11 -6.57 1.00
CA LYS B 227 -9.53 -6.85 0.82
C LYS B 227 -9.78 -8.32 0.50
N SER B 228 -8.88 -8.94 -0.27
CA SER B 228 -9.04 -10.35 -0.61
C SER B 228 -8.79 -11.30 0.56
N PHE B 229 -7.87 -10.94 1.44
CA PHE B 229 -7.67 -11.65 2.72
C PHE B 229 -8.90 -11.62 3.61
N GLU B 230 -9.57 -10.47 3.70
CA GLU B 230 -10.83 -10.39 4.45
C GLU B 230 -11.88 -11.41 3.95
N HIS B 231 -12.05 -11.51 2.63
CA HIS B 231 -12.96 -12.50 2.03
C HIS B 231 -12.50 -13.93 2.30
N LEU B 232 -11.21 -14.20 2.07
CA LEU B 232 -10.61 -15.51 2.32
C LEU B 232 -10.78 -16.03 3.75
N PHE B 233 -10.58 -15.16 4.75
CA PHE B 233 -10.72 -15.50 6.17
C PHE B 233 -12.19 -15.61 6.59
N PHE B 234 -13.07 -14.88 5.90
CA PHE B 234 -14.49 -15.00 6.15
C PHE B 234 -15.01 -16.38 5.71
N PHE B 235 -14.49 -16.90 4.60
CA PHE B 235 -14.89 -18.22 4.13
C PHE B 235 -14.00 -19.35 4.65
N HIS B 236 -13.08 -18.99 5.55
CA HIS B 236 -12.15 -19.94 6.19
C HIS B 236 -11.37 -20.75 5.14
N LEU B 237 -10.80 -20.02 4.18
CA LEU B 237 -10.08 -20.62 3.05
C LEU B 237 -8.57 -20.63 3.21
N VAL B 238 -8.06 -19.90 4.22
CA VAL B 238 -6.60 -19.71 4.39
C VAL B 238 -6.07 -20.43 5.62
N ALA B 239 -4.95 -21.14 5.45
CA ALA B 239 -4.32 -21.88 6.54
C ALA B 239 -3.21 -21.06 7.22
N ASP B 240 -3.62 -20.01 7.93
CA ASP B 240 -2.71 -18.99 8.52
C ASP B 240 -1.56 -19.53 9.39
N THR B 241 -1.88 -20.45 10.29
CA THR B 241 -0.91 -21.03 11.23
C THR B 241 0.15 -21.91 10.56
N SER B 242 -0.22 -22.61 9.48
CA SER B 242 0.66 -23.57 8.83
C SER B 242 1.53 -22.97 7.71
N ILE B 243 1.13 -21.80 7.20
CA ILE B 243 1.79 -21.17 6.05
C ILE B 243 3.31 -21.00 6.20
N ALA B 244 3.74 -20.53 7.36
CA ALA B 244 5.17 -20.35 7.69
C ALA B 244 5.95 -21.67 7.62
N GLY B 245 5.36 -22.74 8.13
CA GLY B 245 5.94 -24.08 8.06
C GLY B 245 6.08 -24.60 6.64
N TYR B 246 5.06 -24.36 5.81
CA TYR B 246 5.07 -24.78 4.39
C TYR B 246 6.17 -24.09 3.61
N ILE B 247 6.32 -22.77 3.83
CA ILE B 247 7.35 -21.96 3.17
C ILE B 247 8.74 -22.45 3.54
N ARG B 248 8.95 -22.76 4.83
CA ARG B 248 10.21 -23.31 5.30
C ARG B 248 10.47 -24.66 4.63
N ASP B 249 9.47 -25.54 4.66
CA ASP B 249 9.52 -26.85 4.01
C ASP B 249 9.89 -26.77 2.53
N ALA B 250 9.26 -25.84 1.83
CA ALA B 250 9.37 -25.69 0.38
C ALA B 250 10.74 -25.20 -0.06
N LEU B 251 11.25 -24.18 0.64
CA LEU B 251 12.58 -23.63 0.38
C LEU B 251 13.71 -24.60 0.68
N ARG B 252 13.45 -25.53 1.61
CA ARG B 252 14.47 -26.42 2.15
C ARG B 252 15.15 -27.31 1.10
#